data_5DAP
#
_entry.id   5DAP
#
_cell.length_a   73.110
_cell.length_b   117.710
_cell.length_c   67.160
_cell.angle_alpha   90.00
_cell.angle_beta   90.00
_cell.angle_gamma   90.00
#
_symmetry.space_group_name_H-M   'C 2 2 21'
#
loop_
_entity.id
_entity.type
_entity.pdbx_description
1 polymer 'Phytanoyl-CoA dioxygenase family protein (AFU_orthologue AFUA_8G00230)'
2 non-polymer 'NICKEL (II) ION'
3 non-polymer '2-OXOGLUTARIC ACID'
4 water water
#
_entity_poly.entity_id   1
_entity_poly.type   'polypeptide(L)'
_entity_poly.pdbx_seq_one_letter_code
;STSKDHVKSQIPRLSAINDLHKIWPTVEEHGAAIIESFLSLDIVRRLNEEVDPFVKIEPIPAAKTKDHPNHVLSTTTRLV
NVLAPISKAYREDVLNSKVLHRICSDAFHVYGDYWVLMGAVMELAPSNPAQPLHRDMRFSHPIVEYLKPDAPATSINFLV
ALSPFTAENGATHVILGSHKWQNLSNVSMDATVRALMNPGDALLITDSTIHCGGAETTGTETRRLLTITMGISQLTPLES
NLAVPRPVIESLTPLAQRLLGWASQRSAAPRDIGLLTIRGNSIEKTMNLKAEQPLHDDEAEPLCRETI
;
_entity_poly.pdbx_strand_id   A
#
loop_
_chem_comp.id
_chem_comp.type
_chem_comp.name
_chem_comp.formula
AKG non-polymer '2-OXOGLUTARIC ACID' 'C5 H6 O5'
NI non-polymer 'NICKEL (II) ION' 'Ni 2'
#
# COMPACT_ATOMS: atom_id res chain seq x y z
N LYS A 8 11.94 7.51 24.06
CA LYS A 8 10.56 7.63 23.47
C LYS A 8 9.96 6.27 23.15
N SER A 9 8.63 6.25 23.00
CA SER A 9 7.88 5.02 22.78
C SER A 9 8.07 4.48 21.36
N GLN A 10 8.17 3.17 21.24
CA GLN A 10 8.40 2.51 19.96
C GLN A 10 7.08 2.20 19.27
N ILE A 11 7.15 1.88 17.98
CA ILE A 11 5.96 1.55 17.20
C ILE A 11 5.34 0.29 17.80
N PRO A 12 4.02 0.32 18.11
CA PRO A 12 3.36 -0.89 18.62
C PRO A 12 3.49 -2.08 17.69
N ARG A 13 3.79 -3.24 18.25
CA ARG A 13 3.91 -4.48 17.49
C ARG A 13 2.75 -5.40 17.79
N LEU A 14 2.15 -5.97 16.75
CA LEU A 14 0.98 -6.82 16.90
C LEU A 14 1.10 -8.08 16.07
N SER A 15 0.40 -9.12 16.52
CA SER A 15 0.33 -10.37 15.82
C SER A 15 -0.81 -10.31 14.80
N ALA A 16 -0.54 -10.78 13.60
CA ALA A 16 -1.60 -10.94 12.59
C ALA A 16 -2.58 -12.03 13.04
N ILE A 17 -2.09 -12.94 13.90
CA ILE A 17 -2.84 -14.12 14.32
C ILE A 17 -3.71 -13.84 15.54
N ASN A 18 -3.11 -13.32 16.60
CA ASN A 18 -3.79 -13.16 17.90
C ASN A 18 -4.40 -11.78 18.13
N ASP A 19 -3.86 -10.75 17.48
CA ASP A 19 -4.26 -9.36 17.75
C ASP A 19 -5.01 -8.70 16.59
N LEU A 20 -5.63 -9.48 15.71
CA LEU A 20 -6.23 -8.94 14.48
C LEU A 20 -7.18 -7.76 14.71
N HIS A 21 -8.11 -7.94 15.65
CA HIS A 21 -9.06 -6.87 16.02
C HIS A 21 -8.39 -5.63 16.64
N LYS A 22 -7.16 -5.79 17.13
CA LYS A 22 -6.45 -4.69 17.77
C LYS A 22 -5.65 -3.84 16.79
N ILE A 23 -5.49 -4.31 15.56
CA ILE A 23 -4.58 -3.63 14.63
C ILE A 23 -5.08 -2.24 14.26
N TRP A 24 -6.31 -2.13 13.77
CA TRP A 24 -6.81 -0.82 13.37
C TRP A 24 -6.96 0.16 14.54
N PRO A 25 -7.55 -0.29 15.67
CA PRO A 25 -7.57 0.60 16.85
C PRO A 25 -6.21 1.17 17.22
N THR A 26 -5.16 0.35 17.10
CA THR A 26 -3.80 0.77 17.42
C THR A 26 -3.31 1.88 16.47
N VAL A 27 -3.51 1.69 15.16
CA VAL A 27 -3.12 2.69 14.17
C VAL A 27 -3.92 3.98 14.36
N GLU A 28 -5.22 3.82 14.62
CA GLU A 28 -6.10 4.97 14.85
C GLU A 28 -5.54 5.85 15.98
N GLU A 29 -5.03 5.21 17.03
CA GLU A 29 -4.47 5.94 18.18
C GLU A 29 -3.08 6.53 17.91
N HIS A 30 -2.15 5.70 17.45
CA HIS A 30 -0.73 6.08 17.36
C HIS A 30 -0.26 6.46 15.96
N GLY A 31 -1.07 6.15 14.94
CA GLY A 31 -0.75 6.48 13.56
C GLY A 31 0.14 5.46 12.88
N ALA A 32 0.54 4.42 13.60
CA ALA A 32 1.40 3.39 13.06
C ALA A 32 1.36 2.13 13.90
N ALA A 33 1.59 1.00 13.25
CA ALA A 33 1.72 -0.27 13.94
C ALA A 33 2.49 -1.24 13.06
N ILE A 34 3.23 -2.14 13.70
CA ILE A 34 3.91 -3.20 12.99
C ILE A 34 3.13 -4.49 13.16
N ILE A 35 2.73 -5.07 12.02
CA ILE A 35 2.01 -6.33 11.98
C ILE A 35 3.04 -7.39 11.69
N GLU A 36 3.34 -8.21 12.70
CA GLU A 36 4.34 -9.26 12.57
C GLU A 36 3.79 -10.44 11.77
N SER A 37 4.58 -10.92 10.81
CA SER A 37 4.19 -12.01 9.92
C SER A 37 2.87 -11.73 9.19
N PHE A 38 2.75 -10.50 8.67
CA PHE A 38 1.61 -10.10 7.85
C PHE A 38 1.52 -11.03 6.64
N LEU A 39 2.65 -11.26 6.00
CA LEU A 39 2.79 -12.29 4.98
C LEU A 39 3.73 -13.37 5.49
N SER A 40 3.40 -14.63 5.24
CA SER A 40 4.29 -15.74 5.58
C SER A 40 5.58 -15.66 4.75
N LEU A 41 6.61 -16.37 5.18
CA LEU A 41 7.86 -16.41 4.43
C LEU A 41 7.69 -17.07 3.06
N ASP A 42 6.79 -18.05 2.97
CA ASP A 42 6.45 -18.71 1.71
C ASP A 42 5.96 -17.70 0.65
N ILE A 43 5.04 -16.84 1.06
CA ILE A 43 4.48 -15.82 0.17
C ILE A 43 5.52 -14.75 -0.17
N VAL A 44 6.29 -14.32 0.81
CA VAL A 44 7.39 -13.36 0.58
C VAL A 44 8.37 -13.92 -0.45
N ARG A 45 8.71 -15.20 -0.29
CA ARG A 45 9.64 -15.88 -1.19
C ARG A 45 9.12 -15.93 -2.63
N ARG A 46 7.86 -16.36 -2.79
CA ARG A 46 7.25 -16.45 -4.12
C ARG A 46 7.04 -15.08 -4.75
N LEU A 47 6.57 -14.12 -3.95
CA LEU A 47 6.43 -12.74 -4.37
C LEU A 47 7.76 -12.22 -4.92
N ASN A 48 8.84 -12.44 -4.17
CA ASN A 48 10.17 -11.98 -4.57
C ASN A 48 10.66 -12.59 -5.88
N GLU A 49 10.51 -13.91 -6.03
CA GLU A 49 10.85 -14.62 -7.28
C GLU A 49 10.13 -14.01 -8.47
N GLU A 50 8.85 -13.69 -8.29
CA GLU A 50 7.99 -13.26 -9.37
C GLU A 50 8.26 -11.81 -9.81
N VAL A 51 8.54 -10.93 -8.85
CA VAL A 51 8.82 -9.52 -9.18
C VAL A 51 10.29 -9.24 -9.48
N ASP A 52 11.20 -10.11 -9.03
CA ASP A 52 12.65 -9.93 -9.21
C ASP A 52 13.04 -9.33 -10.57
N PRO A 53 12.71 -10.01 -11.68
CA PRO A 53 13.17 -9.50 -12.98
C PRO A 53 12.56 -8.16 -13.37
N PHE A 54 11.34 -7.88 -12.91
CA PHE A 54 10.66 -6.62 -13.23
C PHE A 54 11.28 -5.43 -12.49
N VAL A 55 11.82 -5.63 -11.30
CA VAL A 55 12.52 -4.55 -10.62
C VAL A 55 13.87 -4.28 -11.30
N LYS A 56 14.53 -5.34 -11.78
CA LYS A 56 15.82 -5.21 -12.46
C LYS A 56 15.73 -4.40 -13.76
N ILE A 57 14.69 -4.63 -14.55
CA ILE A 57 14.55 -3.94 -15.84
C ILE A 57 14.00 -2.51 -15.71
N GLU A 58 13.40 -2.21 -14.56
CA GLU A 58 12.76 -0.91 -14.35
C GLU A 58 13.80 0.21 -14.49
N PRO A 59 13.53 1.21 -15.34
CA PRO A 59 14.42 2.37 -15.43
C PRO A 59 14.28 3.34 -14.24
N ILE A 60 15.06 4.42 -14.25
CA ILE A 60 14.94 5.47 -13.23
C ILE A 60 13.50 6.01 -13.18
N PRO A 61 13.07 6.52 -12.00
CA PRO A 61 11.68 6.99 -11.87
C PRO A 61 11.24 8.03 -12.90
N ALA A 62 12.16 8.92 -13.30
CA ALA A 62 11.85 9.99 -14.25
C ALA A 62 12.46 9.75 -15.63
N ALA A 63 12.56 8.48 -16.04
CA ALA A 63 13.12 8.13 -17.34
C ALA A 63 12.36 8.84 -18.46
N LYS A 64 13.09 9.37 -19.44
CA LYS A 64 12.48 10.23 -20.46
C LYS A 64 11.60 9.46 -21.46
N THR A 65 11.71 8.14 -21.47
CA THR A 65 10.79 7.27 -22.22
C THR A 65 9.36 7.27 -21.65
N LYS A 66 9.23 7.63 -20.37
CA LYS A 66 7.95 7.50 -19.66
C LYS A 66 6.95 8.61 -19.98
N ASP A 67 5.70 8.19 -20.14
CA ASP A 67 4.56 9.08 -20.36
C ASP A 67 4.25 9.87 -19.09
N HIS A 68 4.32 9.18 -17.95
CA HIS A 68 4.06 9.75 -16.64
C HIS A 68 5.26 9.52 -15.73
N PRO A 69 6.33 10.32 -15.92
CA PRO A 69 7.53 10.16 -15.09
C PRO A 69 7.31 10.55 -13.62
N ASN A 70 8.01 9.86 -12.73
CA ASN A 70 8.00 10.20 -11.31
C ASN A 70 9.24 11.02 -11.00
N HIS A 71 9.06 12.30 -10.75
CA HIS A 71 10.18 13.22 -10.49
C HIS A 71 10.52 13.35 -8.99
N VAL A 72 9.85 12.55 -8.15
CA VAL A 72 10.00 12.65 -6.70
C VAL A 72 11.01 11.62 -6.17
N LEU A 73 10.85 10.37 -6.57
CA LEU A 73 11.70 9.30 -6.05
C LEU A 73 13.15 9.50 -6.50
N SER A 74 14.09 8.99 -5.71
CA SER A 74 15.50 9.09 -6.04
C SER A 74 15.85 8.24 -7.25
N THR A 75 16.98 8.56 -7.88
CA THR A 75 17.48 7.75 -8.98
C THR A 75 17.95 6.37 -8.50
N THR A 76 18.18 6.21 -7.20
CA THR A 76 18.51 4.92 -6.58
C THR A 76 17.27 4.13 -6.10
N THR A 77 16.08 4.54 -6.57
CA THR A 77 14.84 3.83 -6.26
C THR A 77 14.28 3.19 -7.53
N ARG A 78 13.82 1.94 -7.41
CA ARG A 78 13.09 1.26 -8.48
C ARG A 78 11.72 0.85 -7.97
N LEU A 79 10.68 1.36 -8.62
CA LEU A 79 9.29 1.09 -8.25
C LEU A 79 8.59 0.43 -9.43
N VAL A 80 7.98 -0.74 -9.19
CA VAL A 80 7.19 -1.42 -10.22
C VAL A 80 5.78 -1.69 -9.66
N ASN A 81 4.78 -1.28 -10.43
CA ASN A 81 3.38 -1.40 -10.01
C ASN A 81 2.57 -2.23 -11.03
N VAL A 82 1.24 -2.22 -10.90
CA VAL A 82 0.38 -3.15 -11.64
C VAL A 82 0.93 -4.56 -11.52
N LEU A 83 0.92 -5.08 -10.29
CA LEU A 83 1.58 -6.35 -9.95
C LEU A 83 0.75 -7.61 -10.31
N ALA A 84 -0.54 -7.45 -10.60
CA ALA A 84 -1.42 -8.60 -10.84
C ALA A 84 -0.96 -9.53 -11.97
N PRO A 85 -0.62 -8.96 -13.16
CA PRO A 85 -0.12 -9.85 -14.22
C PRO A 85 1.26 -10.45 -13.94
N ILE A 86 2.06 -9.76 -13.11
CA ILE A 86 3.42 -10.21 -12.77
C ILE A 86 3.45 -11.36 -11.76
N SER A 87 2.64 -11.27 -10.72
CA SER A 87 2.82 -12.10 -9.52
C SER A 87 1.57 -12.88 -9.11
N LYS A 88 1.66 -14.21 -9.23
CA LYS A 88 0.61 -15.11 -8.76
C LYS A 88 0.39 -14.98 -7.26
N ALA A 89 1.49 -14.85 -6.51
CA ALA A 89 1.42 -14.66 -5.06
C ALA A 89 0.68 -13.37 -4.72
N TYR A 90 0.93 -12.30 -5.48
CA TYR A 90 0.24 -11.03 -5.25
C TYR A 90 -1.26 -11.13 -5.55
N ARG A 91 -1.59 -11.58 -6.76
CA ARG A 91 -2.97 -11.59 -7.21
C ARG A 91 -3.87 -12.53 -6.41
N GLU A 92 -3.29 -13.63 -5.92
CA GLU A 92 -4.06 -14.63 -5.17
C GLU A 92 -3.92 -14.48 -3.66
N ASP A 93 -2.70 -14.59 -3.15
CA ASP A 93 -2.49 -14.58 -1.69
C ASP A 93 -2.71 -13.21 -1.06
N VAL A 94 -2.08 -12.17 -1.59
CA VAL A 94 -2.11 -10.87 -0.88
C VAL A 94 -3.40 -10.09 -1.17
N LEU A 95 -3.92 -10.15 -2.39
CA LEU A 95 -5.20 -9.49 -2.70
C LEU A 95 -6.38 -10.12 -1.94
N ASN A 96 -6.25 -11.38 -1.54
CA ASN A 96 -7.28 -12.05 -0.72
C ASN A 96 -6.89 -12.20 0.74
N SER A 97 -5.89 -11.43 1.18
CA SER A 97 -5.41 -11.51 2.57
C SER A 97 -6.52 -11.25 3.58
N LYS A 98 -6.79 -12.26 4.41
CA LYS A 98 -7.78 -12.18 5.47
C LYS A 98 -7.46 -11.01 6.40
N VAL A 99 -6.18 -10.87 6.77
CA VAL A 99 -5.75 -9.81 7.67
C VAL A 99 -5.91 -8.43 7.03
N LEU A 100 -5.51 -8.31 5.76
CA LEU A 100 -5.66 -7.04 5.04
C LEU A 100 -7.12 -6.60 4.97
N HIS A 101 -8.00 -7.54 4.64
CA HIS A 101 -9.41 -7.19 4.46
C HIS A 101 -10.14 -6.85 5.77
N ARG A 102 -9.75 -7.49 6.88
CA ARG A 102 -10.29 -7.12 8.19
C ARG A 102 -9.90 -5.69 8.59
N ILE A 103 -8.63 -5.36 8.41
CA ILE A 103 -8.13 -4.02 8.74
C ILE A 103 -8.81 -2.96 7.87
N CYS A 104 -8.92 -3.23 6.57
CA CYS A 104 -9.52 -2.29 5.64
C CYS A 104 -11.00 -2.04 5.92
N SER A 105 -11.75 -3.11 6.19
CA SER A 105 -13.17 -2.96 6.55
C SER A 105 -13.33 -2.25 7.89
N ASP A 106 -12.43 -2.53 8.84
CA ASP A 106 -12.39 -1.77 10.09
C ASP A 106 -12.15 -0.28 9.80
N ALA A 107 -11.23 -0.02 8.88
CA ALA A 107 -10.77 1.33 8.58
C ALA A 107 -11.77 2.14 7.75
N PHE A 108 -12.39 1.50 6.77
CA PHE A 108 -13.14 2.23 5.74
C PHE A 108 -14.67 2.08 5.80
N HIS A 109 -15.18 1.40 6.81
CA HIS A 109 -16.63 1.13 6.94
C HIS A 109 -17.49 2.40 6.89
N VAL A 110 -16.97 3.50 7.45
CA VAL A 110 -17.69 4.78 7.42
C VAL A 110 -17.92 5.26 5.98
N TYR A 111 -16.97 5.00 5.10
CA TYR A 111 -17.03 5.44 3.70
C TYR A 111 -17.69 4.44 2.74
N GLY A 112 -17.42 3.15 2.90
CA GLY A 112 -17.95 2.12 1.99
C GLY A 112 -16.85 1.23 1.46
N ASP A 113 -17.02 0.76 0.22
CA ASP A 113 -16.02 -0.11 -0.42
C ASP A 113 -14.65 0.56 -0.51
N TYR A 114 -13.62 -0.29 -0.52
CA TYR A 114 -12.24 0.15 -0.74
C TYR A 114 -11.63 -0.69 -1.85
N TRP A 115 -10.52 -0.20 -2.39
CA TRP A 115 -9.76 -0.91 -3.41
C TRP A 115 -8.29 -0.53 -3.32
N VAL A 116 -7.47 -1.10 -4.19
CA VAL A 116 -6.04 -0.81 -4.19
C VAL A 116 -5.80 0.48 -4.97
N LEU A 117 -5.27 1.49 -4.30
CA LEU A 117 -4.86 2.71 -4.99
C LEU A 117 -3.51 2.50 -5.66
N MET A 118 -2.62 1.79 -4.98
CA MET A 118 -1.42 1.26 -5.63
C MET A 118 -0.79 0.13 -4.85
N GLY A 119 -0.51 -0.96 -5.56
CA GLY A 119 0.32 -2.04 -5.05
C GLY A 119 1.63 -2.00 -5.81
N ALA A 120 2.72 -1.68 -5.11
CA ALA A 120 4.02 -1.54 -5.77
C ALA A 120 5.14 -2.18 -4.96
N VAL A 121 6.09 -2.80 -5.67
CA VAL A 121 7.34 -3.23 -5.07
C VAL A 121 8.34 -2.11 -5.27
N MET A 122 8.93 -1.63 -4.17
CA MET A 122 9.99 -0.63 -4.20
C MET A 122 11.29 -1.28 -3.74
N GLU A 123 12.34 -1.14 -4.54
CA GLU A 123 13.66 -1.62 -4.17
C GLU A 123 14.62 -0.43 -4.13
N LEU A 124 15.34 -0.31 -3.03
CA LEU A 124 16.25 0.81 -2.81
C LEU A 124 17.69 0.33 -2.97
N ALA A 125 18.45 1.01 -3.81
CA ALA A 125 19.85 0.66 -4.06
C ALA A 125 20.70 0.98 -2.84
N PRO A 126 21.87 0.30 -2.71
CA PRO A 126 22.80 0.70 -1.66
C PRO A 126 23.10 2.19 -1.67
N SER A 127 23.29 2.76 -0.48
CA SER A 127 23.49 4.20 -0.29
C SER A 127 22.32 5.08 -0.73
N ASN A 128 21.13 4.51 -0.87
CA ASN A 128 19.94 5.30 -1.15
C ASN A 128 19.72 6.30 -0.01
N PRO A 129 19.60 7.60 -0.33
CA PRO A 129 19.40 8.57 0.74
C PRO A 129 18.04 8.46 1.38
N ALA A 130 17.90 9.02 2.59
CA ALA A 130 16.62 9.09 3.26
C ALA A 130 15.69 10.01 2.48
N GLN A 131 14.40 9.72 2.51
CA GLN A 131 13.41 10.60 1.92
C GLN A 131 13.14 11.71 2.90
N PRO A 132 12.66 12.86 2.41
CA PRO A 132 12.17 13.86 3.35
C PRO A 132 10.97 13.33 4.10
N LEU A 133 10.77 13.77 5.33
CA LEU A 133 9.58 13.42 6.09
C LEU A 133 8.36 13.94 5.33
N HIS A 134 7.35 13.10 5.19
CA HIS A 134 6.19 13.45 4.39
C HIS A 134 4.95 12.69 4.82
N ARG A 135 3.82 13.15 4.28
CA ARG A 135 2.57 12.40 4.25
C ARG A 135 2.37 11.92 2.82
N ASP A 136 1.78 10.75 2.66
CA ASP A 136 1.54 10.18 1.33
C ASP A 136 0.36 10.88 0.67
N MET A 137 0.19 10.61 -0.62
CA MET A 137 -0.95 11.08 -1.45
C MET A 137 -0.85 12.50 -1.99
N ARG A 138 0.19 13.25 -1.61
CA ARG A 138 0.28 14.67 -1.97
C ARG A 138 0.76 14.93 -3.42
N PHE A 139 1.27 13.90 -4.11
CA PHE A 139 1.70 14.05 -5.51
C PHE A 139 0.67 13.52 -6.51
N SER A 140 -0.48 13.08 -6.01
CA SER A 140 -1.52 12.46 -6.83
C SER A 140 -2.94 12.92 -6.47
N HIS A 141 -3.20 13.13 -5.18
CA HIS A 141 -4.55 13.45 -4.71
C HIS A 141 -4.57 14.71 -3.86
N PRO A 142 -4.41 15.89 -4.49
CA PRO A 142 -4.55 17.17 -3.79
C PRO A 142 -5.84 17.30 -2.98
N ILE A 143 -6.88 16.59 -3.39
CA ILE A 143 -8.15 16.58 -2.66
C ILE A 143 -7.95 16.28 -1.16
N VAL A 144 -7.04 15.36 -0.83
CA VAL A 144 -6.93 14.91 0.57
C VAL A 144 -6.49 16.03 1.50
N GLU A 145 -5.71 16.98 1.00
CA GLU A 145 -5.31 18.12 1.82
C GLU A 145 -6.49 19.00 2.21
N TYR A 146 -7.58 18.95 1.44
CA TYR A 146 -8.79 19.74 1.74
C TYR A 146 -9.81 19.01 2.62
N LEU A 147 -9.48 17.81 3.09
CA LEU A 147 -10.34 17.11 4.06
C LEU A 147 -10.18 17.79 5.42
N LYS A 148 -11.26 17.75 6.21
CA LYS A 148 -11.20 18.22 7.59
C LYS A 148 -10.18 17.44 8.41
N PRO A 149 -9.53 18.09 9.39
CA PRO A 149 -8.53 17.43 10.25
C PRO A 149 -8.97 16.10 10.89
N ASP A 150 -10.25 16.01 11.27
CA ASP A 150 -10.77 14.82 11.96
C ASP A 150 -11.43 13.79 11.04
N ALA A 151 -11.45 14.04 9.72
CA ALA A 151 -12.06 13.08 8.79
C ALA A 151 -11.37 11.73 8.93
N PRO A 152 -12.14 10.62 8.96
CA PRO A 152 -11.46 9.33 8.99
C PRO A 152 -10.54 9.18 7.78
N ALA A 153 -9.41 8.49 7.98
CA ALA A 153 -8.43 8.31 6.91
C ALA A 153 -9.09 7.69 5.70
N THR A 154 -8.84 8.27 4.53
CA THR A 154 -9.41 7.77 3.28
C THR A 154 -8.46 6.83 2.56
N SER A 155 -7.21 6.73 3.03
CA SER A 155 -6.29 5.70 2.57
C SER A 155 -5.29 5.32 3.66
N ILE A 156 -4.79 4.10 3.58
CA ILE A 156 -3.78 3.60 4.49
C ILE A 156 -2.73 2.87 3.63
N ASN A 157 -1.55 2.67 4.20
CA ASN A 157 -0.45 2.08 3.45
C ASN A 157 0.21 0.97 4.25
N PHE A 158 0.18 -0.24 3.69
CA PHE A 158 0.90 -1.38 4.25
C PHE A 158 2.29 -1.41 3.62
N LEU A 159 3.30 -1.11 4.43
CA LEU A 159 4.70 -1.18 3.99
C LEU A 159 5.27 -2.54 4.40
N VAL A 160 5.19 -3.51 3.50
CA VAL A 160 5.58 -4.88 3.80
C VAL A 160 7.06 -5.07 3.50
N ALA A 161 7.82 -5.58 4.47
CA ALA A 161 9.24 -5.89 4.24
C ALA A 161 9.36 -7.14 3.38
N LEU A 162 10.09 -7.03 2.27
CA LEU A 162 10.45 -8.20 1.45
C LEU A 162 11.92 -8.58 1.65
N SER A 163 12.63 -7.77 2.43
CA SER A 163 13.96 -8.09 2.94
C SER A 163 14.09 -7.37 4.29
N PRO A 164 15.11 -7.70 5.10
CA PRO A 164 15.18 -7.11 6.43
C PRO A 164 15.25 -5.58 6.45
N PHE A 165 14.46 -4.97 7.33
CA PHE A 165 14.56 -3.53 7.61
C PHE A 165 15.40 -3.34 8.86
N THR A 166 16.56 -2.71 8.72
CA THR A 166 17.45 -2.43 9.85
C THR A 166 17.70 -0.92 9.93
N ALA A 167 18.20 -0.47 11.08
CA ALA A 167 18.57 0.92 11.26
C ALA A 167 19.63 1.34 10.24
N GLU A 168 20.60 0.45 10.00
CA GLU A 168 21.73 0.74 9.12
C GLU A 168 21.39 0.68 7.62
N ASN A 169 20.42 -0.15 7.22
CA ASN A 169 20.05 -0.26 5.80
C ASN A 169 18.83 0.58 5.39
N GLY A 170 18.36 1.45 6.28
CA GLY A 170 17.36 2.46 5.93
C GLY A 170 15.93 2.17 6.32
N ALA A 171 15.72 1.38 7.36
CA ALA A 171 14.38 1.11 7.89
C ALA A 171 13.54 2.38 7.99
N THR A 172 12.26 2.27 7.66
CA THR A 172 11.34 3.42 7.65
C THR A 172 11.30 4.13 9.01
N HIS A 173 11.23 5.46 8.96
CA HIS A 173 11.02 6.28 10.15
C HIS A 173 9.56 6.71 10.20
N VAL A 174 8.98 6.76 11.41
CA VAL A 174 7.66 7.36 11.60
C VAL A 174 7.70 8.27 12.82
N ILE A 175 6.85 9.28 12.82
CA ILE A 175 6.60 10.09 14.01
C ILE A 175 5.27 9.61 14.59
N LEU A 176 5.30 8.96 15.74
CA LEU A 176 4.09 8.47 16.36
C LEU A 176 3.16 9.63 16.74
N GLY A 177 1.86 9.45 16.52
CA GLY A 177 0.87 10.47 16.79
C GLY A 177 0.77 11.57 15.74
N SER A 178 1.64 11.53 14.73
CA SER A 178 1.74 12.63 13.76
C SER A 178 0.53 12.72 12.83
N HIS A 179 -0.18 11.61 12.66
CA HIS A 179 -1.43 11.59 11.91
C HIS A 179 -2.50 12.56 12.46
N LYS A 180 -2.37 12.94 13.73
CA LYS A 180 -3.26 13.94 14.34
C LYS A 180 -2.70 15.37 14.32
N TRP A 181 -1.46 15.56 13.85
CA TRP A 181 -0.85 16.89 13.83
C TRP A 181 -1.49 17.76 12.76
N GLN A 182 -1.67 19.04 13.07
CA GLN A 182 -2.08 20.03 12.08
C GLN A 182 -0.93 20.98 11.81
N ASN A 183 -0.40 21.57 12.87
CA ASN A 183 0.80 22.42 12.80
C ASN A 183 2.05 21.58 12.60
N LEU A 184 2.73 21.77 11.46
CA LEU A 184 3.91 20.96 11.11
C LEU A 184 5.22 21.75 11.25
N SER A 185 5.56 22.09 12.49
CA SER A 185 6.83 22.77 12.78
C SER A 185 7.71 22.02 13.79
N ASN A 186 7.22 20.90 14.33
CA ASN A 186 8.05 19.96 15.08
C ASN A 186 8.49 18.79 14.20
N VAL A 187 8.21 18.86 12.91
CA VAL A 187 8.68 17.86 11.96
C VAL A 187 10.21 17.88 11.97
N SER A 188 10.78 16.88 12.63
CA SER A 188 12.22 16.69 12.71
C SER A 188 12.50 15.20 12.73
N MET A 189 13.67 14.80 12.26
CA MET A 189 14.12 13.42 12.39
C MET A 189 14.34 13.05 13.86
N ASP A 190 14.54 14.07 14.69
CA ASP A 190 14.63 13.90 16.15
C ASP A 190 13.37 13.27 16.75
N ALA A 191 12.22 13.48 16.11
CA ALA A 191 10.95 12.98 16.67
C ALA A 191 10.57 11.58 16.17
N THR A 192 11.42 10.93 15.38
CA THR A 192 11.08 9.66 14.74
C THR A 192 11.47 8.42 15.55
N VAL A 193 10.79 7.30 15.26
CA VAL A 193 11.23 5.96 15.67
C VAL A 193 11.25 5.07 14.41
N ARG A 194 11.98 3.96 14.47
CA ARG A 194 12.20 3.10 13.29
C ARG A 194 11.27 1.90 13.26
N ALA A 195 11.01 1.40 12.06
CA ALA A 195 10.28 0.16 11.88
C ALA A 195 11.28 -0.94 11.55
N LEU A 196 11.87 -1.53 12.58
CA LEU A 196 12.77 -2.65 12.42
C LEU A 196 11.90 -3.86 12.10
N MET A 197 12.12 -4.48 10.95
CA MET A 197 11.23 -5.55 10.50
C MET A 197 11.97 -6.69 9.85
N ASN A 198 11.44 -7.89 10.05
CA ASN A 198 11.85 -9.08 9.33
C ASN A 198 11.02 -9.14 8.05
N PRO A 199 11.51 -9.86 7.03
CA PRO A 199 10.67 -10.07 5.84
C PRO A 199 9.31 -10.66 6.22
N GLY A 200 8.24 -10.08 5.67
CA GLY A 200 6.88 -10.54 5.96
C GLY A 200 6.16 -9.69 7.01
N ASP A 201 6.94 -8.97 7.82
CA ASP A 201 6.36 -7.98 8.73
C ASP A 201 5.91 -6.77 7.91
N ALA A 202 4.91 -6.05 8.42
CA ALA A 202 4.36 -4.89 7.72
C ALA A 202 4.20 -3.72 8.68
N LEU A 203 4.71 -2.56 8.27
CA LEU A 203 4.43 -1.30 8.93
C LEU A 203 3.16 -0.75 8.29
N LEU A 204 2.12 -0.61 9.09
CA LEU A 204 0.87 0.00 8.62
C LEU A 204 0.79 1.44 9.11
N ILE A 205 0.58 2.37 8.17
CA ILE A 205 0.38 3.78 8.47
C ILE A 205 -0.86 4.30 7.75
N THR A 206 -1.30 5.49 8.12
CA THR A 206 -2.36 6.20 7.40
C THR A 206 -1.76 7.22 6.45
N ASP A 207 -2.62 7.82 5.62
CA ASP A 207 -2.23 8.93 4.75
C ASP A 207 -1.86 10.23 5.48
N SER A 208 -2.11 10.29 6.78
CA SER A 208 -1.70 11.44 7.60
C SER A 208 -0.45 11.18 8.44
N THR A 209 0.01 9.95 8.52
CA THR A 209 1.19 9.62 9.31
C THR A 209 2.46 10.17 8.68
N ILE A 210 3.18 11.01 9.42
CA ILE A 210 4.44 11.58 8.96
C ILE A 210 5.54 10.53 9.07
N HIS A 211 6.25 10.30 7.97
CA HIS A 211 7.21 9.22 7.85
C HIS A 211 8.17 9.44 6.69
N CYS A 212 9.18 8.59 6.59
CA CYS A 212 10.11 8.61 5.46
C CYS A 212 10.93 7.33 5.41
N GLY A 213 11.32 6.94 4.20
CA GLY A 213 12.31 5.90 4.04
C GLY A 213 13.62 6.37 4.63
N GLY A 214 14.37 5.45 5.23
CA GLY A 214 15.61 5.81 5.91
C GLY A 214 16.81 5.82 4.97
N ALA A 215 17.93 6.35 5.47
CA ALA A 215 19.17 6.38 4.72
C ALA A 215 19.84 5.02 4.73
N GLU A 216 20.20 4.52 3.55
CA GLU A 216 21.01 3.31 3.44
C GLU A 216 22.45 3.74 3.73
N THR A 217 23.02 3.23 4.82
CA THR A 217 24.33 3.69 5.29
C THR A 217 25.47 2.72 5.01
N THR A 218 25.15 1.45 4.78
CA THR A 218 26.18 0.41 4.62
C THR A 218 26.90 0.51 3.27
N GLY A 219 26.21 1.03 2.25
CA GLY A 219 26.73 1.02 0.89
C GLY A 219 26.79 -0.36 0.27
N THR A 220 26.19 -1.36 0.93
CA THR A 220 26.21 -2.74 0.44
C THR A 220 24.83 -3.41 0.38
N GLU A 221 23.94 -3.08 1.31
CA GLU A 221 22.65 -3.75 1.39
C GLU A 221 21.58 -3.12 0.48
N THR A 222 20.76 -3.98 -0.11
CA THR A 222 19.61 -3.57 -0.92
C THR A 222 18.34 -3.87 -0.13
N ARG A 223 17.51 -2.86 0.05
CA ARG A 223 16.26 -3.00 0.81
C ARG A 223 15.09 -3.04 -0.16
N ARG A 224 14.16 -3.96 0.06
CA ARG A 224 12.99 -4.11 -0.81
C ARG A 224 11.71 -4.16 0.00
N LEU A 225 10.65 -3.56 -0.55
CA LEU A 225 9.37 -3.57 0.12
C LEU A 225 8.22 -3.65 -0.85
N LEU A 226 7.10 -4.20 -0.36
CA LEU A 226 5.83 -4.18 -1.06
C LEU A 226 4.95 -3.16 -0.38
N THR A 227 4.68 -2.04 -1.06
CA THR A 227 3.81 -1.00 -0.51
C THR A 227 2.41 -1.16 -1.11
N ILE A 228 1.42 -1.39 -0.24
CA ILE A 228 0.04 -1.54 -0.66
C ILE A 228 -0.77 -0.39 -0.08
N THR A 229 -1.10 0.58 -0.92
CA THR A 229 -1.97 1.67 -0.50
C THR A 229 -3.41 1.26 -0.79
N MET A 230 -4.15 0.99 0.28
CA MET A 230 -5.57 0.67 0.21
C MET A 230 -6.34 1.94 0.49
N GLY A 231 -7.36 2.20 -0.32
CA GLY A 231 -8.13 3.43 -0.21
C GLY A 231 -9.59 3.24 -0.59
N ILE A 232 -10.41 4.20 -0.17
CA ILE A 232 -11.84 4.14 -0.45
C ILE A 232 -12.09 4.18 -1.95
N SER A 233 -13.13 3.48 -2.40
CA SER A 233 -13.44 3.35 -3.81
C SER A 233 -13.89 4.65 -4.45
N GLN A 234 -14.12 5.66 -3.63
CA GLN A 234 -14.46 7.01 -4.09
C GLN A 234 -13.22 7.79 -4.57
N LEU A 235 -12.02 7.29 -4.26
CA LEU A 235 -10.77 7.89 -4.74
C LEU A 235 -10.18 7.10 -5.90
N THR A 236 -9.65 7.82 -6.88
CA THR A 236 -9.09 7.21 -8.08
C THR A 236 -7.71 6.60 -7.80
N PRO A 237 -7.49 5.33 -8.19
CA PRO A 237 -6.17 4.72 -7.99
C PRO A 237 -5.05 5.42 -8.76
N LEU A 238 -3.83 5.30 -8.23
CA LEU A 238 -2.65 5.83 -8.88
C LEU A 238 -2.32 4.98 -10.11
N GLU A 239 -2.73 3.72 -10.08
CA GLU A 239 -2.43 2.76 -11.14
C GLU A 239 -3.70 2.21 -11.79
N SER A 240 -3.56 1.75 -13.04
CA SER A 240 -4.67 1.18 -13.79
C SER A 240 -4.43 -0.30 -14.08
N ASN A 241 -5.48 -1.10 -13.96
CA ASN A 241 -5.44 -2.51 -14.38
C ASN A 241 -6.24 -2.73 -15.67
N LEU A 242 -6.54 -1.64 -16.37
CA LEU A 242 -7.35 -1.67 -17.59
C LEU A 242 -6.73 -2.56 -18.67
N ALA A 243 -5.40 -2.59 -18.72
CA ALA A 243 -4.66 -3.32 -19.75
C ALA A 243 -4.24 -4.74 -19.35
N VAL A 244 -4.72 -5.23 -18.21
CA VAL A 244 -4.40 -6.59 -17.76
C VAL A 244 -5.21 -7.60 -18.58
N PRO A 245 -4.55 -8.64 -19.14
CA PRO A 245 -5.29 -9.63 -19.95
C PRO A 245 -6.48 -10.23 -19.21
N ARG A 246 -7.55 -10.50 -19.94
CA ARG A 246 -8.81 -10.94 -19.32
C ARG A 246 -8.74 -12.33 -18.68
N PRO A 247 -7.95 -13.26 -19.26
CA PRO A 247 -7.76 -14.54 -18.56
C PRO A 247 -7.17 -14.37 -17.16
N VAL A 248 -6.26 -13.40 -16.98
CA VAL A 248 -5.71 -13.11 -15.66
C VAL A 248 -6.80 -12.59 -14.71
N ILE A 249 -7.55 -11.58 -15.16
CA ILE A 249 -8.63 -11.00 -14.34
C ILE A 249 -9.66 -12.06 -13.99
N GLU A 250 -10.02 -12.89 -14.97
CA GLU A 250 -11.01 -13.95 -14.77
C GLU A 250 -10.50 -15.11 -13.91
N SER A 251 -9.19 -15.18 -13.69
CA SER A 251 -8.59 -16.14 -12.76
C SER A 251 -8.75 -15.71 -11.31
N LEU A 252 -9.03 -14.43 -11.08
CA LEU A 252 -9.11 -13.88 -9.73
C LEU A 252 -10.45 -14.15 -9.07
N THR A 253 -10.49 -13.96 -7.76
CA THR A 253 -11.74 -14.01 -7.00
C THR A 253 -12.54 -12.74 -7.26
N PRO A 254 -13.86 -12.77 -7.03
CA PRO A 254 -14.67 -11.55 -7.19
C PRO A 254 -14.10 -10.38 -6.39
N LEU A 255 -13.66 -10.66 -5.16
CA LEU A 255 -13.10 -9.63 -4.28
C LEU A 255 -11.84 -9.00 -4.86
N ALA A 256 -10.92 -9.82 -5.37
CA ALA A 256 -9.70 -9.31 -6.00
C ALA A 256 -10.02 -8.49 -7.25
N GLN A 257 -11.01 -8.94 -8.03
CA GLN A 257 -11.48 -8.17 -9.19
C GLN A 257 -11.95 -6.78 -8.80
N ARG A 258 -12.72 -6.69 -7.72
CA ARG A 258 -13.19 -5.39 -7.23
C ARG A 258 -12.00 -4.50 -6.85
N LEU A 259 -11.06 -5.05 -6.10
CA LEU A 259 -9.86 -4.32 -5.66
C LEU A 259 -9.04 -3.73 -6.82
N LEU A 260 -9.14 -4.34 -8.00
CA LEU A 260 -8.40 -3.89 -9.18
C LEU A 260 -9.25 -3.08 -10.17
N GLY A 261 -10.43 -2.63 -9.73
CA GLY A 261 -11.30 -1.83 -10.59
C GLY A 261 -11.99 -2.63 -11.70
N TRP A 262 -12.03 -3.95 -11.58
CA TRP A 262 -12.79 -4.79 -12.51
C TRP A 262 -14.12 -5.23 -11.88
N ALA A 263 -14.75 -4.30 -11.18
CA ALA A 263 -16.10 -4.46 -10.65
C ALA A 263 -16.63 -3.08 -10.32
N SER A 264 -17.95 -2.95 -10.25
CA SER A 264 -18.54 -1.72 -9.73
C SER A 264 -18.24 -1.66 -8.23
N GLN A 265 -18.49 -0.51 -7.62
CA GLN A 265 -18.20 -0.31 -6.20
C GLN A 265 -19.41 0.31 -5.52
N ARG A 266 -19.43 0.27 -4.19
CA ARG A 266 -20.54 0.79 -3.41
C ARG A 266 -20.03 1.71 -2.30
N SER A 267 -20.76 2.80 -2.04
CA SER A 267 -20.49 3.64 -0.88
C SER A 267 -21.32 3.17 0.31
N ALA A 268 -21.05 3.76 1.47
CA ALA A 268 -21.76 3.41 2.71
C ALA A 268 -23.03 4.23 2.93
N ALA A 269 -23.42 5.04 1.95
CA ALA A 269 -24.67 5.79 2.05
C ALA A 269 -25.84 4.82 2.22
N PRO A 270 -26.73 5.07 3.19
CA PRO A 270 -27.88 4.18 3.42
C PRO A 270 -28.63 3.80 2.14
N ARG A 271 -28.80 4.76 1.23
CA ARG A 271 -29.42 4.51 -0.07
C ARG A 271 -28.39 4.70 -1.19
N ASP A 272 -27.24 4.05 -1.01
CA ASP A 272 -26.14 4.07 -1.96
C ASP A 272 -26.62 3.82 -3.39
N ILE A 273 -26.23 4.68 -4.32
CA ILE A 273 -26.53 4.49 -5.74
C ILE A 273 -25.35 3.92 -6.52
N GLY A 274 -24.19 3.78 -5.86
CA GLY A 274 -23.07 3.03 -6.42
C GLY A 274 -22.08 3.83 -7.23
N LEU A 275 -20.95 3.20 -7.53
CA LEU A 275 -19.86 3.80 -8.30
C LEU A 275 -19.51 2.88 -9.46
N LEU A 276 -19.14 3.48 -10.59
CA LEU A 276 -18.80 2.73 -11.81
C LEU A 276 -19.89 1.74 -12.22
N THR A 277 -21.15 2.18 -12.13
CA THR A 277 -22.29 1.36 -12.54
C THR A 277 -22.60 1.60 -14.00
N ILE A 278 -23.49 0.78 -14.57
CA ILE A 278 -23.89 0.91 -15.96
C ILE A 278 -25.41 0.77 -16.07
N ARG A 279 -26.08 1.91 -16.07
CA ARG A 279 -27.55 1.97 -16.15
C ARG A 279 -28.20 1.05 -15.10
N GLY A 280 -27.76 1.19 -13.86
CA GLY A 280 -28.30 0.43 -12.73
C GLY A 280 -27.71 -0.96 -12.53
N ASN A 281 -26.78 -1.37 -13.39
CA ASN A 281 -26.14 -2.69 -13.26
C ASN A 281 -24.61 -2.62 -13.19
N SER A 282 -24.02 -3.67 -12.65
CA SER A 282 -22.58 -3.69 -12.37
C SER A 282 -21.75 -3.91 -13.63
N ILE A 283 -20.46 -3.58 -13.53
CA ILE A 283 -19.48 -3.89 -14.58
C ILE A 283 -19.44 -5.39 -14.85
N GLU A 284 -19.29 -6.16 -13.78
CA GLU A 284 -19.10 -7.60 -13.88
C GLU A 284 -20.29 -8.34 -14.50
N LYS A 285 -21.51 -7.86 -14.23
CA LYS A 285 -22.71 -8.39 -14.85
C LYS A 285 -22.75 -8.07 -16.34
N THR A 286 -22.54 -6.80 -16.67
CA THR A 286 -22.62 -6.29 -18.04
C THR A 286 -21.63 -6.97 -18.98
N MET A 287 -20.41 -7.18 -18.50
CA MET A 287 -19.34 -7.77 -19.31
C MET A 287 -19.24 -9.29 -19.10
N ASN A 288 -20.25 -9.89 -18.49
CA ASN A 288 -20.18 -11.24 -17.92
C ASN A 288 -18.75 -11.70 -17.62
N LEU A 289 -18.13 -10.93 -16.74
CA LEU A 289 -16.80 -11.22 -16.24
C LEU A 289 -16.87 -12.48 -15.37
N LYS A 290 -16.14 -13.52 -15.76
CA LYS A 290 -16.06 -14.72 -14.92
C LYS A 290 -15.00 -14.55 -13.83
N ALA A 291 -15.01 -15.47 -12.88
CA ALA A 291 -14.09 -15.41 -11.74
C ALA A 291 -13.59 -16.81 -11.37
N GLU A 292 -12.36 -16.85 -10.84
CA GLU A 292 -11.73 -18.09 -10.38
C GLU A 292 -11.64 -19.16 -11.46
N GLN A 293 -11.26 -18.73 -12.67
CA GLN A 293 -11.03 -19.60 -13.81
C GLN A 293 -9.52 -19.78 -13.95
N PRO A 294 -8.98 -20.92 -13.47
CA PRO A 294 -7.51 -21.04 -13.45
C PRO A 294 -6.85 -20.99 -14.84
N LEU A 295 -5.57 -20.64 -14.86
CA LEU A 295 -4.76 -20.71 -16.08
C LEU A 295 -3.95 -22.01 -16.11
NI NI B . 5.60 7.56 1.97
C1 AKG C . 7.34 6.28 -0.03
O1 AKG C . 6.31 6.98 -0.06
O2 AKG C . 7.98 5.99 -1.07
C2 AKG C . 7.83 5.79 1.26
O5 AKG C . 7.40 6.28 2.29
C3 AKG C . 8.87 4.69 1.30
C4 AKG C . 9.18 4.29 2.74
C5 AKG C . 10.40 3.38 2.79
O3 AKG C . 10.56 2.67 3.81
O4 AKG C . 11.19 3.36 1.82
#